data_5AYG
#
_entry.id   5AYG
#
_cell.length_a   99.240
_cell.length_b   99.240
_cell.length_c   127.840
_cell.angle_alpha   90.00
_cell.angle_beta   90.00
_cell.angle_gamma   120.00
#
_symmetry.space_group_name_H-M   'P 61'
#
loop_
_entity.id
_entity.type
_entity.pdbx_description
1 polymer 'Nuclear receptor ROR-gamma'
2 non-polymer 3-[5-(2-cyclohexylethyl)-4-ethyl-1,2,4-triazol-3-yl]-N-naphthalen-1-yl-propanamide
3 water water
#
_entity_poly.entity_id   1
_entity_poly.type   'polypeptide(L)'
_entity_poly.pdbx_seq_one_letter_code
;EAPYASLTEIEHLVQSVCKSYRETCQLRLEDLLRQRSNIFSREEVTGYQRKSMWEMWERCAHHLTEAIQYVVEFAKRLSG
FMELCQNDQIVLLKAGAMEVVLVRMCRAYNADNRTVFFEGKYGGMELFRALGCSELISSIFDFSHSLSALHFSEDEIALY
TALVLINAHRPGLQEKRKVEQLQYNLELAFHHHLCKTHRQSILAKLPPKGKLRSLCSQHVERLQIFQHLHPIVVQAAFPP
LYKELFSTETESPVGLSK
;
_entity_poly.pdbx_strand_id   A,B
#
loop_
_chem_comp.id
_chem_comp.type
_chem_comp.name
_chem_comp.formula
4LQ non-polymer 3-[5-(2-cyclohexylethyl)-4-ethyl-1,2,4-triazol-3-yl]-N-naphthalen-1-yl-propanamide 'C25 H32 N4 O'
#
# COMPACT_ATOMS: atom_id res chain seq x y z
N TYR A 4 -26.62 -24.12 -5.73
CA TYR A 4 -27.57 -23.33 -6.51
C TYR A 4 -27.78 -21.93 -5.94
N ALA A 5 -27.73 -20.93 -6.81
CA ALA A 5 -27.91 -19.56 -6.42
C ALA A 5 -29.23 -19.04 -6.93
N SER A 6 -30.03 -18.44 -6.06
CA SER A 6 -31.37 -17.98 -6.41
C SER A 6 -31.41 -16.53 -6.85
N LEU A 7 -32.61 -16.11 -7.28
CA LEU A 7 -32.87 -14.76 -7.78
C LEU A 7 -32.53 -13.65 -6.80
N THR A 8 -32.89 -13.85 -5.49
CA THR A 8 -32.55 -12.92 -4.41
C THR A 8 -31.06 -12.90 -4.21
N GLU A 9 -30.43 -14.09 -4.19
CA GLU A 9 -28.99 -14.22 -3.98
C GLU A 9 -28.16 -13.57 -5.10
N ILE A 10 -28.58 -13.77 -6.35
CA ILE A 10 -28.02 -13.08 -7.51
C ILE A 10 -28.26 -11.57 -7.52
N GLU A 11 -29.48 -11.12 -7.30
CA GLU A 11 -29.77 -9.70 -7.13
C GLU A 11 -29.10 -9.02 -5.99
N HIS A 12 -28.90 -9.76 -4.90
CA HIS A 12 -28.05 -9.34 -3.77
C HIS A 12 -26.60 -9.14 -4.23
N LEU A 13 -26.07 -10.10 -4.97
CA LEU A 13 -24.71 -10.01 -5.49
C LEU A 13 -24.51 -8.79 -6.42
N VAL A 14 -25.46 -8.56 -7.32
CA VAL A 14 -25.42 -7.43 -8.25
C VAL A 14 -25.29 -6.14 -7.41
N GLN A 15 -26.18 -5.98 -6.44
CA GLN A 15 -26.20 -4.82 -5.56
C GLN A 15 -24.97 -4.64 -4.68
N SER A 16 -24.37 -5.74 -4.26
CA SER A 16 -23.14 -5.66 -3.48
C SER A 16 -21.94 -5.17 -4.32
N VAL A 17 -21.83 -5.66 -5.55
CA VAL A 17 -20.72 -5.34 -6.44
C VAL A 17 -20.86 -3.88 -6.88
N CYS A 18 -22.07 -3.46 -7.22
CA CYS A 18 -22.34 -2.07 -7.47
C CYS A 18 -22.06 -1.11 -6.31
N LYS A 19 -22.28 -1.53 -5.07
CA LYS A 19 -22.10 -0.64 -3.93
C LYS A 19 -20.64 -0.55 -3.58
N SER A 20 -19.92 -1.64 -3.79
CA SER A 20 -18.50 -1.70 -3.52
C SER A 20 -17.74 -0.77 -4.44
N TYR A 21 -18.11 -0.74 -5.73
CA TYR A 21 -17.49 0.14 -6.69
C TYR A 21 -17.74 1.60 -6.31
N ARG A 22 -18.96 1.89 -5.89
CA ARG A 22 -19.34 3.27 -5.57
C ARG A 22 -18.52 3.81 -4.41
N GLU A 23 -18.32 2.97 -3.40
CA GLU A 23 -17.51 3.32 -2.25
C GLU A 23 -16.06 3.50 -2.63
N THR A 24 -15.58 2.64 -3.51
CA THR A 24 -14.17 2.57 -3.86
C THR A 24 -13.81 3.25 -5.17
N CYS A 25 -14.77 3.91 -5.81
CA CYS A 25 -14.58 4.41 -7.18
C CYS A 25 -13.44 5.42 -7.26
N GLN A 26 -13.22 6.17 -6.19
CA GLN A 26 -12.14 7.15 -6.10
C GLN A 26 -12.48 8.48 -6.75
N LEU A 27 -12.80 8.47 -8.03
CA LEU A 27 -13.27 9.67 -8.69
C LEU A 27 -14.72 9.45 -9.05
N ARG A 28 -15.60 10.32 -8.55
CA ARG A 28 -17.03 10.16 -8.81
C ARG A 28 -17.34 10.66 -10.22
N LEU A 29 -18.23 9.95 -10.92
CA LEU A 29 -18.54 10.21 -12.32
C LEU A 29 -19.09 11.62 -12.55
N GLU A 30 -20.03 12.03 -11.71
CA GLU A 30 -20.56 13.38 -11.77
C GLU A 30 -19.51 14.46 -11.68
N ASP A 31 -18.52 14.31 -10.78
CA ASP A 31 -17.39 15.24 -10.72
C ASP A 31 -16.57 15.25 -12.02
N LEU A 32 -16.18 14.06 -12.48
CA LEU A 32 -15.48 13.91 -13.77
C LEU A 32 -16.17 14.60 -14.97
N LEU A 33 -17.47 14.41 -15.10
CA LEU A 33 -18.28 15.07 -16.14
C LEU A 33 -18.46 16.59 -15.96
N ARG A 34 -18.56 17.05 -14.72
CA ARG A 34 -18.62 18.46 -14.34
C ARG A 34 -17.27 19.13 -14.77
N GLN A 35 -16.15 18.50 -14.45
CA GLN A 35 -14.82 18.98 -14.84
C GLN A 35 -14.41 18.96 -16.31
N ARG A 36 -15.21 18.40 -17.22
CA ARG A 36 -14.92 18.50 -18.67
C ARG A 36 -14.71 19.86 -19.31
N SER A 37 -15.47 20.79 -18.80
CA SER A 37 -15.28 22.19 -19.19
C SER A 37 -13.92 22.78 -18.76
N ASN A 38 -13.35 22.30 -17.66
CA ASN A 38 -12.08 22.76 -17.11
C ASN A 38 -10.86 22.07 -17.77
N ILE A 39 -10.20 22.81 -18.65
CA ILE A 39 -9.28 22.33 -19.68
C ILE A 39 -7.97 23.11 -19.47
N PHE A 40 -6.82 22.44 -19.52
CA PHE A 40 -5.51 23.06 -19.30
C PHE A 40 -5.21 24.14 -20.36
N SER A 41 -4.80 25.35 -19.94
CA SER A 41 -4.28 26.40 -20.88
C SER A 41 -2.97 26.01 -21.60
N ARG A 42 -2.66 26.66 -22.71
CA ARG A 42 -1.39 26.40 -23.45
C ARG A 42 -0.14 26.47 -22.57
N GLU A 43 -0.10 27.42 -21.63
CA GLU A 43 1.02 27.58 -20.69
C GLU A 43 1.13 26.42 -19.69
N GLU A 44 -0.03 25.87 -19.29
CA GLU A 44 -0.08 24.72 -18.40
C GLU A 44 0.38 23.46 -19.10
N VAL A 45 0.00 23.28 -20.36
CA VAL A 45 0.48 22.16 -21.19
C VAL A 45 1.99 22.28 -21.33
N THR A 46 2.48 23.44 -21.75
CA THR A 46 3.92 23.71 -21.84
C THR A 46 4.67 23.36 -20.55
N GLY A 47 4.12 23.81 -19.44
CA GLY A 47 4.61 23.43 -18.10
C GLY A 47 4.86 21.95 -17.88
N TYR A 48 3.87 21.12 -18.25
CA TYR A 48 3.95 19.66 -18.17
C TYR A 48 4.94 19.02 -19.16
N GLN A 49 4.94 19.56 -20.38
CA GLN A 49 5.92 19.20 -21.43
C GLN A 49 7.37 19.46 -21.04
N ARG A 50 7.60 20.57 -20.35
CA ARG A 50 8.94 20.96 -19.89
C ARG A 50 9.51 20.07 -18.77
N LYS A 51 8.66 19.34 -18.05
CA LYS A 51 9.09 18.56 -16.90
C LYS A 51 9.94 17.40 -17.35
N SER A 52 10.77 16.94 -16.43
CA SER A 52 11.64 15.78 -16.72
C SER A 52 10.73 14.63 -16.86
N MET A 53 11.08 13.71 -17.76
CA MET A 53 10.57 12.33 -17.70
C MET A 53 10.45 11.69 -16.30
N TRP A 54 11.46 11.95 -15.47
CA TRP A 54 11.51 11.45 -14.12
C TRP A 54 10.37 12.04 -13.30
N GLU A 55 10.06 13.34 -13.43
CA GLU A 55 8.97 13.95 -12.67
C GLU A 55 7.63 13.38 -13.09
N MET A 56 7.41 13.33 -14.40
CA MET A 56 6.18 12.79 -14.96
C MET A 56 5.88 11.32 -14.62
N TRP A 57 6.94 10.50 -14.62
CA TRP A 57 6.92 9.13 -14.15
C TRP A 57 6.63 8.99 -12.66
N GLU A 58 7.18 9.87 -11.81
CA GLU A 58 6.84 9.92 -10.39
C GLU A 58 5.37 10.26 -10.21
N ARG A 59 4.90 11.29 -10.90
CA ARG A 59 3.50 11.68 -10.81
C ARG A 59 2.58 10.58 -11.31
N CYS A 60 2.91 10.01 -12.46
CA CYS A 60 2.05 9.01 -13.06
C CYS A 60 2.03 7.76 -12.18
N ALA A 61 3.20 7.40 -11.64
CA ALA A 61 3.29 6.30 -10.69
C ALA A 61 2.51 6.44 -9.40
N HIS A 62 2.54 7.64 -8.82
CA HIS A 62 1.73 8.04 -7.66
C HIS A 62 0.25 7.78 -7.95
N HIS A 63 -0.24 8.29 -9.06
CA HIS A 63 -1.63 8.14 -9.43
C HIS A 63 -1.99 6.68 -9.66
N LEU A 64 -1.06 5.96 -10.28
CA LEU A 64 -1.20 4.54 -10.54
C LEU A 64 -1.27 3.67 -9.29
N THR A 65 -0.43 3.98 -8.31
CA THR A 65 -0.40 3.28 -7.03
C THR A 65 -1.64 3.52 -6.18
N GLU A 66 -2.06 4.77 -6.16
CA GLU A 66 -3.33 5.19 -5.55
C GLU A 66 -4.51 4.42 -6.12
N ALA A 67 -4.57 4.30 -7.45
CA ALA A 67 -5.69 3.68 -8.14
C ALA A 67 -5.71 2.17 -7.94
N ILE A 68 -4.54 1.54 -7.90
CA ILE A 68 -4.41 0.14 -7.44
C ILE A 68 -4.92 -0.12 -6.02
N GLN A 69 -4.68 0.79 -5.07
CA GLN A 69 -5.16 0.63 -3.68
C GLN A 69 -6.68 0.55 -3.65
N TYR A 70 -7.30 1.41 -4.46
CA TYR A 70 -8.76 1.47 -4.59
C TYR A 70 -9.31 0.25 -5.31
N VAL A 71 -8.52 -0.35 -6.20
CA VAL A 71 -8.82 -1.69 -6.72
C VAL A 71 -8.75 -2.79 -5.66
N VAL A 72 -7.71 -2.78 -4.84
CA VAL A 72 -7.55 -3.79 -3.80
C VAL A 72 -8.75 -3.75 -2.86
N GLU A 73 -9.07 -2.56 -2.37
CA GLU A 73 -10.31 -2.30 -1.62
C GLU A 73 -11.65 -2.80 -2.17
N PHE A 74 -11.84 -2.55 -3.46
CA PHE A 74 -12.96 -3.03 -4.26
C PHE A 74 -13.04 -4.52 -4.20
N ALA A 75 -11.91 -5.18 -4.39
CA ALA A 75 -11.83 -6.63 -4.19
C ALA A 75 -12.18 -7.14 -2.81
N LYS A 76 -11.63 -6.52 -1.77
CA LYS A 76 -11.90 -6.84 -0.37
C LYS A 76 -13.38 -6.78 0.05
N ARG A 77 -14.16 -5.97 -0.67
CA ARG A 77 -15.61 -5.85 -0.46
C ARG A 77 -16.50 -6.75 -1.34
N LEU A 78 -15.93 -7.43 -2.33
CA LEU A 78 -16.64 -8.45 -3.11
C LEU A 78 -16.83 -9.72 -2.29
N SER A 79 -18.11 -10.02 -2.03
CA SER A 79 -18.51 -11.10 -1.11
C SER A 79 -18.11 -12.40 -1.80
N GLY A 80 -17.07 -13.03 -1.25
CA GLY A 80 -16.32 -14.11 -1.89
C GLY A 80 -14.81 -13.98 -1.76
N PHE A 81 -14.32 -12.79 -2.06
CA PHE A 81 -12.90 -12.59 -2.23
C PHE A 81 -12.10 -12.85 -0.94
N MET A 82 -12.61 -12.36 0.19
CA MET A 82 -11.98 -12.58 1.51
C MET A 82 -12.00 -14.04 1.99
N GLU A 83 -13.02 -14.77 1.59
CA GLU A 83 -13.11 -16.20 1.83
C GLU A 83 -11.95 -16.93 1.15
N LEU A 84 -11.54 -16.48 -0.03
CA LEU A 84 -10.41 -17.11 -0.72
C LEU A 84 -9.14 -17.14 0.12
N CYS A 85 -8.23 -18.04 -0.24
CA CYS A 85 -6.90 -18.13 0.39
C CYS A 85 -5.99 -16.98 -0.01
N GLN A 86 -5.00 -16.50 0.74
N GLN A 86 -5.03 -16.33 0.66
CA GLN A 86 -4.18 -15.36 0.32
CA GLN A 86 -4.28 -15.22 0.07
C GLN A 86 -3.37 -15.58 -0.94
C GLN A 86 -3.42 -15.61 -1.14
N ASN A 87 -2.75 -16.76 -1.06
CA ASN A 87 -2.10 -16.94 -2.36
C ASN A 87 -3.02 -16.50 -3.52
N ASP A 88 -4.27 -16.96 -3.48
CA ASP A 88 -5.25 -16.67 -4.52
C ASP A 88 -5.64 -15.20 -4.68
N GLN A 89 -5.93 -14.55 -3.56
CA GLN A 89 -6.12 -13.09 -3.43
C GLN A 89 -4.98 -12.33 -4.20
N ILE A 90 -3.75 -12.77 -3.97
CA ILE A 90 -2.53 -12.18 -4.50
C ILE A 90 -2.43 -12.44 -6.00
N VAL A 91 -2.71 -13.67 -6.44
CA VAL A 91 -2.57 -14.02 -7.86
C VAL A 91 -3.53 -13.19 -8.74
N LEU A 92 -4.75 -13.06 -8.25
CA LEU A 92 -5.83 -12.35 -8.93
C LEU A 92 -5.63 -10.85 -9.00
N LEU A 93 -5.26 -10.24 -7.88
CA LEU A 93 -4.88 -8.84 -7.84
C LEU A 93 -3.62 -8.53 -8.65
N LYS A 94 -2.61 -9.39 -8.63
CA LYS A 94 -1.34 -9.19 -9.35
C LYS A 94 -1.63 -9.17 -10.85
N ALA A 95 -2.39 -10.15 -11.30
CA ALA A 95 -2.74 -10.33 -12.70
C ALA A 95 -3.79 -9.35 -13.20
N GLY A 96 -4.70 -8.93 -12.32
CA GLY A 96 -5.90 -8.17 -12.70
C GLY A 96 -5.94 -6.71 -12.41
N ALA A 97 -5.22 -6.24 -11.39
CA ALA A 97 -5.46 -4.90 -10.80
C ALA A 97 -5.23 -3.78 -11.81
N MET A 98 -4.14 -3.87 -12.55
CA MET A 98 -3.82 -2.95 -13.63
C MET A 98 -4.85 -2.98 -14.76
N GLU A 99 -5.31 -4.17 -15.11
CA GLU A 99 -6.34 -4.29 -16.15
C GLU A 99 -7.66 -3.60 -15.70
N VAL A 100 -7.95 -3.62 -14.40
CA VAL A 100 -9.11 -2.91 -13.82
C VAL A 100 -9.00 -1.38 -13.82
N VAL A 101 -7.85 -0.87 -13.44
CA VAL A 101 -7.51 0.55 -13.53
C VAL A 101 -7.72 1.06 -14.96
N LEU A 102 -7.26 0.30 -15.94
CA LEU A 102 -7.41 0.67 -17.35
C LEU A 102 -8.87 0.85 -17.83
N VAL A 103 -9.76 -0.01 -17.32
CA VAL A 103 -11.20 0.05 -17.57
C VAL A 103 -11.76 1.25 -16.80
N ARG A 104 -11.52 1.30 -15.49
CA ARG A 104 -11.87 2.48 -14.68
C ARG A 104 -11.46 3.84 -15.30
N MET A 105 -10.24 3.90 -15.84
CA MET A 105 -9.69 5.09 -16.48
C MET A 105 -10.59 5.67 -17.59
N CYS A 106 -11.34 4.83 -18.29
CA CYS A 106 -12.27 5.25 -19.35
C CYS A 106 -13.34 6.28 -18.95
N ARG A 107 -13.71 6.32 -17.68
CA ARG A 107 -14.58 7.35 -17.15
C ARG A 107 -13.96 8.74 -17.19
N ALA A 108 -12.63 8.81 -17.08
CA ALA A 108 -11.91 10.07 -17.13
C ALA A 108 -11.48 10.52 -18.53
N TYR A 109 -11.96 9.86 -19.59
CA TYR A 109 -11.70 10.23 -21.00
C TYR A 109 -12.89 10.97 -21.58
N ASN A 110 -12.67 12.08 -22.27
CA ASN A 110 -13.69 12.78 -22.98
C ASN A 110 -13.52 12.64 -24.51
N ALA A 111 -14.42 11.88 -25.11
CA ALA A 111 -14.43 11.66 -26.56
C ALA A 111 -14.77 12.87 -27.42
N ASP A 112 -15.49 13.84 -26.88
CA ASP A 112 -15.81 15.08 -27.62
C ASP A 112 -14.57 15.85 -28.12
N ASN A 113 -13.53 15.90 -27.30
CA ASN A 113 -12.28 16.64 -27.53
C ASN A 113 -10.99 15.85 -27.35
N ARG A 114 -11.09 14.54 -27.11
CA ARG A 114 -9.91 13.68 -26.95
C ARG A 114 -9.00 14.11 -25.83
N THR A 115 -9.60 14.50 -24.70
CA THR A 115 -8.88 14.81 -23.48
C THR A 115 -9.12 13.81 -22.36
N VAL A 116 -8.21 13.87 -21.39
CA VAL A 116 -8.22 13.04 -20.20
C VAL A 116 -8.09 13.92 -18.98
N PHE A 117 -8.73 13.50 -17.90
CA PHE A 117 -8.55 14.14 -16.61
C PHE A 117 -7.17 13.77 -16.08
N PHE A 118 -6.40 14.78 -15.67
CA PHE A 118 -5.09 14.58 -15.04
C PHE A 118 -4.80 15.75 -14.11
N GLU A 119 -4.71 15.49 -12.82
CA GLU A 119 -4.27 16.48 -11.83
C GLU A 119 -5.12 17.79 -11.91
N GLY A 120 -6.43 17.60 -12.00
CA GLY A 120 -7.42 18.62 -11.72
C GLY A 120 -8.10 19.22 -12.91
N LYS A 121 -7.52 19.05 -14.11
CA LYS A 121 -8.15 19.49 -15.34
C LYS A 121 -7.97 18.49 -16.46
N TYR A 122 -8.54 18.78 -17.62
CA TYR A 122 -8.50 17.92 -18.79
C TYR A 122 -7.46 18.43 -19.76
N GLY A 123 -6.70 17.59 -20.39
CA GLY A 123 -5.98 17.87 -21.61
C GLY A 123 -5.74 16.65 -22.44
N GLY A 124 -5.08 16.75 -23.59
CA GLY A 124 -4.88 15.59 -24.43
C GLY A 124 -3.53 14.91 -24.28
N MET A 125 -3.11 14.22 -25.32
CA MET A 125 -1.88 13.44 -25.28
C MET A 125 -0.68 14.35 -25.05
N GLU A 126 -0.73 15.50 -25.61
CA GLU A 126 0.39 16.42 -25.63
C GLU A 126 0.97 16.62 -24.24
N LEU A 127 0.11 16.47 -23.19
CA LEU A 127 0.53 16.69 -21.82
C LEU A 127 1.70 15.83 -21.44
N PHE A 128 1.68 14.61 -21.96
CA PHE A 128 2.60 13.55 -21.54
C PHE A 128 3.85 13.40 -22.42
N ARG A 129 4.11 14.36 -23.31
CA ARG A 129 5.28 14.39 -24.20
C ARG A 129 6.63 14.06 -23.54
N ALA A 130 6.83 14.48 -22.30
CA ALA A 130 8.09 14.31 -21.59
C ALA A 130 8.42 12.83 -21.41
N LEU A 131 7.40 12.01 -21.27
CA LEU A 131 7.54 10.59 -21.02
C LEU A 131 8.34 9.91 -22.19
N GLY A 132 8.11 10.38 -23.40
CA GLY A 132 8.62 9.76 -24.64
C GLY A 132 8.13 8.34 -24.89
N CYS A 133 6.85 8.14 -24.62
CA CYS A 133 6.08 6.91 -24.79
C CYS A 133 4.77 7.30 -25.51
N SER A 134 4.93 7.85 -26.71
CA SER A 134 3.83 8.32 -27.53
C SER A 134 2.86 7.18 -27.83
N GLU A 135 3.44 6.01 -28.02
CA GLU A 135 2.76 4.80 -28.47
C GLU A 135 1.83 4.26 -27.38
N LEU A 136 2.38 4.13 -26.18
CA LEU A 136 1.72 3.66 -24.95
C LEU A 136 0.54 4.59 -24.67
N ILE A 137 0.80 5.89 -24.58
CA ILE A 137 -0.23 6.89 -24.42
C ILE A 137 -1.28 6.84 -25.53
N SER A 138 -0.87 6.53 -26.75
CA SER A 138 -1.79 6.40 -27.88
C SER A 138 -2.77 5.22 -27.76
N SER A 139 -2.26 4.07 -27.36
CA SER A 139 -3.05 2.89 -27.03
C SER A 139 -4.09 3.20 -25.97
N ILE A 140 -3.67 3.83 -24.87
CA ILE A 140 -4.49 4.15 -23.69
C ILE A 140 -5.62 5.06 -24.19
N PHE A 141 -5.28 6.02 -25.04
CA PHE A 141 -6.25 6.98 -25.59
C PHE A 141 -7.20 6.40 -26.65
N ASP A 142 -6.76 5.36 -27.36
CA ASP A 142 -7.55 4.62 -28.31
C ASP A 142 -8.50 3.68 -27.61
N PHE A 143 -7.96 2.90 -26.72
CA PHE A 143 -8.69 1.99 -25.86
C PHE A 143 -9.74 2.73 -25.06
N SER A 144 -9.37 3.89 -24.49
CA SER A 144 -10.32 4.74 -23.78
C SER A 144 -11.43 5.25 -24.64
N HIS A 145 -11.07 5.67 -25.85
CA HIS A 145 -12.03 6.07 -26.86
C HIS A 145 -12.99 4.95 -27.24
N SER A 146 -12.45 3.76 -27.42
CA SER A 146 -13.26 2.59 -27.76
C SER A 146 -14.25 2.13 -26.67
N LEU A 147 -13.84 2.15 -25.40
CA LEU A 147 -14.78 1.92 -24.23
C LEU A 147 -15.79 3.03 -23.98
N SER A 148 -15.32 4.28 -24.01
CA SER A 148 -16.16 5.45 -24.02
C SER A 148 -17.39 5.52 -24.92
N ALA A 149 -17.17 5.03 -26.18
CA ALA A 149 -18.21 4.91 -27.20
C ALA A 149 -19.47 4.13 -26.72
N LEU A 150 -19.24 3.18 -25.82
CA LEU A 150 -20.26 2.34 -25.23
C LEU A 150 -21.00 2.94 -24.03
N HIS A 151 -20.59 4.08 -23.48
CA HIS A 151 -21.33 4.77 -22.42
C HIS A 151 -21.71 3.87 -21.25
N PHE A 152 -20.70 3.15 -20.77
CA PHE A 152 -20.80 2.23 -19.65
C PHE A 152 -21.35 2.96 -18.44
N SER A 153 -22.46 2.47 -17.89
CA SER A 153 -22.86 2.87 -16.57
C SER A 153 -21.88 2.49 -15.46
N GLU A 154 -22.04 3.10 -14.30
CA GLU A 154 -21.32 2.72 -13.10
C GLU A 154 -21.44 1.25 -12.71
N ASP A 155 -22.65 0.73 -12.82
CA ASP A 155 -22.89 -0.66 -12.52
C ASP A 155 -22.28 -1.66 -13.52
N GLU A 156 -22.29 -1.34 -14.78
CA GLU A 156 -21.58 -2.11 -15.83
C GLU A 156 -20.09 -2.15 -15.65
N ILE A 157 -19.52 -1.02 -15.21
CA ILE A 157 -18.13 -0.89 -14.83
C ILE A 157 -17.92 -1.82 -13.65
N ALA A 158 -18.64 -1.62 -12.54
CA ALA A 158 -18.61 -2.49 -11.32
C ALA A 158 -18.58 -3.98 -11.61
N LEU A 159 -19.54 -4.40 -12.41
CA LEU A 159 -19.69 -5.76 -12.75
C LEU A 159 -18.65 -6.33 -13.69
N TYR A 160 -18.24 -5.60 -14.69
CA TYR A 160 -17.27 -6.05 -15.71
C TYR A 160 -15.90 -6.10 -15.05
N THR A 161 -15.55 -5.04 -14.34
CA THR A 161 -14.40 -4.95 -13.45
C THR A 161 -14.22 -6.09 -12.45
N ALA A 162 -15.31 -6.52 -11.87
CA ALA A 162 -15.26 -7.70 -11.01
C ALA A 162 -14.86 -9.00 -11.72
N LEU A 163 -15.37 -9.20 -12.93
CA LEU A 163 -14.94 -10.28 -13.82
C LEU A 163 -13.53 -10.22 -14.40
N VAL A 164 -12.96 -9.03 -14.49
CA VAL A 164 -11.54 -8.89 -14.83
C VAL A 164 -10.66 -9.52 -13.73
N LEU A 165 -11.01 -9.20 -12.49
CA LEU A 165 -10.38 -9.74 -11.29
C LEU A 165 -10.61 -11.21 -11.04
N ILE A 166 -11.87 -11.59 -10.87
CA ILE A 166 -12.31 -12.94 -10.46
C ILE A 166 -12.33 -13.83 -11.75
N ASN A 167 -11.13 -14.23 -12.19
CA ASN A 167 -10.85 -15.07 -13.35
C ASN A 167 -10.06 -16.35 -12.97
N ALA A 168 -10.76 -17.49 -13.08
CA ALA A 168 -10.20 -18.81 -12.77
C ALA A 168 -9.05 -19.35 -13.70
N HIS A 169 -8.83 -18.73 -14.85
CA HIS A 169 -7.75 -19.13 -15.74
C HIS A 169 -6.37 -18.63 -15.33
N ARG A 170 -6.28 -17.78 -14.31
CA ARG A 170 -4.99 -17.15 -13.95
C ARG A 170 -4.06 -18.25 -13.47
N PRO A 171 -2.87 -18.43 -14.08
CA PRO A 171 -1.92 -19.44 -13.56
C PRO A 171 -1.50 -19.16 -12.12
N GLY A 172 -1.47 -20.22 -11.31
CA GLY A 172 -0.94 -20.20 -9.94
C GLY A 172 -1.94 -20.19 -8.82
N LEU A 173 -3.17 -20.56 -9.12
CA LEU A 173 -4.26 -20.56 -8.09
C LEU A 173 -4.24 -21.95 -7.45
N GLN A 174 -4.46 -21.98 -6.14
CA GLN A 174 -4.47 -23.20 -5.32
C GLN A 174 -5.87 -23.78 -5.14
N GLU A 175 -6.86 -22.92 -4.94
CA GLU A 175 -8.30 -23.23 -4.90
C GLU A 175 -9.04 -22.77 -6.20
N LYS A 176 -8.56 -23.21 -7.35
CA LYS A 176 -9.19 -22.92 -8.67
C LYS A 176 -10.71 -23.06 -8.72
N ARG A 177 -11.22 -24.10 -8.06
CA ARG A 177 -12.65 -24.39 -7.99
C ARG A 177 -13.45 -23.35 -7.19
N LYS A 178 -12.91 -22.80 -6.10
CA LYS A 178 -13.54 -21.67 -5.38
C LYS A 178 -13.66 -20.39 -6.24
N VAL A 179 -12.63 -20.15 -7.05
CA VAL A 179 -12.53 -19.00 -7.96
C VAL A 179 -13.55 -19.18 -9.09
N GLU A 180 -13.57 -20.36 -9.73
CA GLU A 180 -14.63 -20.74 -10.67
C GLU A 180 -16.07 -20.56 -10.14
N GLN A 181 -16.34 -20.97 -8.90
CA GLN A 181 -17.67 -20.78 -8.37
C GLN A 181 -17.97 -19.30 -8.30
N LEU A 182 -17.00 -18.52 -7.83
CA LEU A 182 -17.15 -17.06 -7.73
C LEU A 182 -17.33 -16.36 -9.08
N GLN A 183 -16.56 -16.78 -10.08
CA GLN A 183 -16.63 -16.17 -11.40
C GLN A 183 -17.98 -16.42 -12.06
N TYR A 184 -18.43 -17.67 -11.94
CA TYR A 184 -19.73 -18.11 -12.45
C TYR A 184 -20.84 -17.24 -11.87
N ASN A 185 -20.81 -17.02 -10.55
CA ASN A 185 -21.79 -16.17 -9.89
C ASN A 185 -21.78 -14.71 -10.32
N LEU A 186 -20.57 -14.21 -10.54
CA LEU A 186 -20.38 -12.86 -11.07
C LEU A 186 -20.85 -12.75 -12.52
N GLU A 187 -20.68 -13.80 -13.30
CA GLU A 187 -21.24 -13.90 -14.64
C GLU A 187 -22.76 -13.92 -14.70
N LEU A 188 -23.39 -14.72 -13.86
CA LEU A 188 -24.82 -14.55 -13.58
C LEU A 188 -25.26 -13.15 -13.17
N ALA A 189 -24.54 -12.54 -12.24
CA ALA A 189 -24.85 -11.18 -11.77
C ALA A 189 -24.82 -10.16 -12.89
N PHE A 190 -23.72 -10.19 -13.62
CA PHE A 190 -23.55 -9.35 -14.80
C PHE A 190 -24.61 -9.59 -15.88
N HIS A 191 -24.84 -10.83 -16.27
CA HIS A 191 -25.80 -11.16 -17.33
C HIS A 191 -27.26 -10.91 -16.96
N HIS A 192 -27.65 -11.25 -15.73
CA HIS A 192 -28.94 -10.84 -15.15
C HIS A 192 -29.19 -9.32 -15.20
N HIS A 193 -28.19 -8.57 -14.72
CA HIS A 193 -28.27 -7.12 -14.63
C HIS A 193 -28.36 -6.48 -16.00
N LEU A 194 -27.55 -7.00 -16.91
CA LEU A 194 -27.68 -6.67 -18.32
C LEU A 194 -29.09 -6.89 -18.91
N CYS A 195 -29.73 -8.00 -18.59
CA CYS A 195 -31.11 -8.23 -18.99
C CYS A 195 -32.10 -7.26 -18.38
N LYS A 196 -31.96 -7.05 -17.07
CA LYS A 196 -32.78 -6.07 -16.32
C LYS A 196 -32.69 -4.60 -16.77
N THR A 197 -31.51 -4.20 -17.22
CA THR A 197 -31.22 -2.94 -17.81
C THR A 197 -31.38 -2.77 -19.32
N HIS A 198 -31.83 -3.81 -20.03
CA HIS A 198 -31.94 -3.79 -21.49
C HIS A 198 -30.54 -3.52 -22.22
N ARG A 199 -29.46 -4.01 -21.61
CA ARG A 199 -28.10 -3.66 -22.00
C ARG A 199 -27.30 -4.83 -22.57
N GLN A 200 -27.99 -5.80 -23.14
CA GLN A 200 -27.41 -7.02 -23.65
C GLN A 200 -26.42 -6.73 -24.75
N SER A 201 -26.67 -5.65 -25.46
CA SER A 201 -25.91 -5.26 -26.65
C SER A 201 -24.40 -5.16 -26.40
N ILE A 202 -24.03 -4.75 -25.20
CA ILE A 202 -22.63 -4.48 -24.88
C ILE A 202 -21.70 -5.66 -24.99
N LEU A 203 -22.16 -6.86 -24.63
CA LEU A 203 -21.28 -7.98 -24.60
C LEU A 203 -20.43 -8.26 -25.83
N ALA A 204 -21.09 -8.33 -26.98
CA ALA A 204 -20.41 -8.38 -28.28
C ALA A 204 -19.41 -7.26 -28.57
N LYS A 205 -19.50 -6.15 -27.83
CA LYS A 205 -18.65 -4.97 -27.96
C LYS A 205 -17.61 -4.73 -26.87
N LEU A 206 -17.61 -5.55 -25.82
CA LEU A 206 -16.56 -5.53 -24.79
C LEU A 206 -15.20 -5.97 -25.36
N PRO A 207 -14.09 -5.30 -24.97
CA PRO A 207 -12.81 -5.52 -25.63
C PRO A 207 -12.31 -6.94 -25.33
N PRO A 208 -11.62 -7.58 -26.26
CA PRO A 208 -11.25 -8.98 -26.09
C PRO A 208 -10.29 -9.19 -24.93
N LYS A 209 -10.35 -10.34 -24.32
CA LYS A 209 -9.70 -10.59 -23.04
C LYS A 209 -8.21 -10.32 -23.18
N GLY A 210 -7.65 -10.63 -24.34
CA GLY A 210 -6.28 -10.31 -24.62
C GLY A 210 -5.97 -8.83 -24.63
N LYS A 211 -6.86 -8.00 -25.19
CA LYS A 211 -6.52 -6.58 -25.38
C LYS A 211 -6.20 -5.89 -24.02
N LEU A 212 -6.93 -6.25 -22.98
CA LEU A 212 -6.51 -5.89 -21.62
C LEU A 212 -5.10 -6.34 -21.28
N ARG A 213 -4.88 -7.66 -21.39
CA ARG A 213 -3.64 -8.36 -21.00
C ARG A 213 -2.43 -7.87 -21.79
N SER A 214 -2.55 -7.86 -23.15
CA SER A 214 -1.63 -7.27 -24.15
C SER A 214 -1.16 -5.86 -23.81
N LEU A 215 -2.12 -4.96 -23.67
CA LEU A 215 -1.84 -3.55 -23.38
C LEU A 215 -1.18 -3.39 -22.02
N CYS A 216 -1.65 -4.17 -21.05
CA CYS A 216 -1.10 -4.10 -19.70
C CYS A 216 0.32 -4.62 -19.68
N SER A 217 0.62 -5.54 -20.60
CA SER A 217 1.97 -6.05 -20.76
C SER A 217 2.89 -4.92 -21.19
N GLN A 218 2.39 -4.06 -22.08
CA GLN A 218 3.16 -2.94 -22.58
C GLN A 218 3.51 -1.98 -21.45
N HIS A 219 2.56 -1.76 -20.54
CA HIS A 219 2.77 -0.89 -19.40
C HIS A 219 3.87 -1.48 -18.52
N VAL A 220 3.86 -2.80 -18.36
CA VAL A 220 4.87 -3.49 -17.57
C VAL A 220 6.07 -3.85 -18.45
N TYR B 4 31.07 -16.67 0.17
CA TYR B 4 30.33 -15.66 0.91
C TYR B 4 31.16 -14.38 1.10
N ALA B 5 30.66 -13.48 1.95
CA ALA B 5 31.27 -12.20 2.16
C ALA B 5 32.59 -12.19 2.94
N SER B 6 33.44 -11.22 2.61
CA SER B 6 34.62 -10.92 3.40
C SER B 6 34.27 -9.81 4.37
N LEU B 7 35.26 -9.32 5.11
CA LEU B 7 34.98 -8.30 6.10
C LEU B 7 34.83 -6.87 5.61
N THR B 8 35.55 -6.45 4.57
CA THR B 8 35.29 -5.11 4.00
C THR B 8 33.93 -5.07 3.28
N GLU B 9 33.54 -6.15 2.60
CA GLU B 9 32.18 -6.32 2.07
C GLU B 9 31.05 -6.21 3.11
N ILE B 10 31.35 -6.59 4.35
CA ILE B 10 30.47 -6.40 5.49
C ILE B 10 30.32 -4.92 5.86
N GLU B 11 31.40 -4.16 5.82
CA GLU B 11 31.33 -2.71 5.97
C GLU B 11 30.44 -2.03 4.91
N HIS B 12 30.40 -2.60 3.71
CA HIS B 12 29.50 -2.15 2.64
C HIS B 12 28.04 -2.46 2.98
N LEU B 13 27.77 -3.62 3.58
CA LEU B 13 26.44 -3.96 4.07
C LEU B 13 25.95 -2.97 5.14
N VAL B 14 26.82 -2.66 6.10
CA VAL B 14 26.52 -1.69 7.19
C VAL B 14 26.11 -0.33 6.62
N GLN B 15 27.00 0.23 5.81
CA GLN B 15 26.75 1.46 5.09
C GLN B 15 25.44 1.49 4.31
N SER B 16 25.21 0.42 3.56
CA SER B 16 24.00 0.28 2.76
C SER B 16 22.72 0.22 3.60
N VAL B 17 22.74 -0.60 4.65
CA VAL B 17 21.64 -0.72 5.62
C VAL B 17 21.40 0.63 6.31
N CYS B 18 22.46 1.32 6.69
CA CYS B 18 22.37 2.67 7.23
C CYS B 18 21.79 3.72 6.29
N LYS B 19 22.14 3.64 5.01
CA LYS B 19 21.67 4.58 3.98
C LYS B 19 20.19 4.36 3.69
N SER B 20 19.81 3.11 3.57
CA SER B 20 18.42 2.73 3.38
C SER B 20 17.53 3.17 4.54
N TYR B 21 18.00 3.06 5.78
CA TYR B 21 17.30 3.62 6.92
C TYR B 21 17.18 5.15 6.88
N ARG B 22 18.22 5.83 6.41
CA ARG B 22 18.20 7.29 6.26
C ARG B 22 17.20 7.72 5.20
N GLU B 23 17.23 7.01 4.08
CA GLU B 23 16.29 7.23 3.00
C GLU B 23 14.84 6.98 3.39
N THR B 24 14.58 6.06 4.31
CA THR B 24 13.22 5.60 4.62
C THR B 24 12.75 5.81 6.11
N CYS B 25 13.46 6.63 6.87
CA CYS B 25 13.07 6.83 8.31
C CYS B 25 11.81 7.65 8.54
N GLN B 26 11.21 8.23 7.49
CA GLN B 26 9.93 8.91 7.54
C GLN B 26 10.04 10.26 8.24
N LEU B 27 10.41 10.27 9.53
CA LEU B 27 10.62 11.48 10.34
C LEU B 27 12.08 11.50 10.75
N ARG B 28 12.78 12.61 10.50
CA ARG B 28 14.19 12.74 10.75
C ARG B 28 14.32 13.02 12.23
N LEU B 29 15.25 12.31 12.88
CA LEU B 29 15.59 12.50 14.30
C LEU B 29 15.76 13.96 14.76
N GLU B 30 16.44 14.80 13.98
CA GLU B 30 16.66 16.21 14.33
C GLU B 30 15.35 17.01 14.40
N ASP B 31 14.45 16.78 13.42
CA ASP B 31 13.08 17.27 13.48
C ASP B 31 12.29 16.80 14.69
N LEU B 32 12.29 15.50 15.01
CA LEU B 32 11.67 14.95 16.23
C LEU B 32 12.18 15.58 17.54
N LEU B 33 13.50 15.74 17.67
CA LEU B 33 14.12 16.37 18.87
C LEU B 33 13.91 17.88 19.00
N ARG B 34 13.91 18.60 17.87
CA ARG B 34 13.64 20.05 17.87
C ARG B 34 12.19 20.37 18.38
N GLN B 35 11.24 19.55 17.93
CA GLN B 35 9.82 19.64 18.29
C GLN B 35 9.43 19.15 19.68
N ARG B 36 10.35 18.73 20.54
CA ARG B 36 10.03 18.35 21.94
C ARG B 36 9.48 19.45 22.82
N SER B 37 9.96 20.66 22.61
CA SER B 37 9.47 21.86 23.30
C SER B 37 8.01 22.21 22.93
N ASN B 38 7.62 21.84 21.70
CA ASN B 38 6.28 22.05 21.16
C ASN B 38 5.25 20.99 21.62
N ILE B 39 4.58 21.31 22.73
CA ILE B 39 3.72 20.43 23.49
C ILE B 39 2.25 20.85 23.33
N PHE B 40 1.33 19.88 23.31
CA PHE B 40 -0.11 20.10 23.09
C PHE B 40 -0.62 20.83 24.33
N SER B 41 -1.43 21.87 24.09
CA SER B 41 -2.07 22.62 25.15
C SER B 41 -3.20 21.81 25.75
N ARG B 42 -3.67 22.23 26.92
CA ARG B 42 -4.73 21.51 27.61
C ARG B 42 -5.95 21.51 26.72
N GLU B 43 -6.20 22.63 26.06
CA GLU B 43 -7.32 22.75 25.15
C GLU B 43 -7.19 21.78 23.98
N GLU B 44 -5.98 21.63 23.45
CA GLU B 44 -5.73 20.64 22.39
C GLU B 44 -5.86 19.16 22.76
N VAL B 45 -5.41 18.81 23.97
CA VAL B 45 -5.62 17.49 24.56
C VAL B 45 -7.12 17.16 24.63
N THR B 46 -7.87 18.02 25.31
CA THR B 46 -9.33 17.92 25.48
C THR B 46 -10.03 17.65 24.15
N GLY B 47 -9.71 18.43 23.12
CA GLY B 47 -10.17 18.24 21.74
C GLY B 47 -9.97 16.82 21.19
N TYR B 48 -8.79 16.27 21.43
CA TYR B 48 -8.43 14.89 21.09
C TYR B 48 -9.21 13.87 21.88
N GLN B 49 -9.30 14.08 23.19
CA GLN B 49 -10.11 13.23 24.06
C GLN B 49 -11.60 13.20 23.69
N ARG B 50 -12.13 14.31 23.18
CA ARG B 50 -13.53 14.38 22.79
C ARG B 50 -13.85 13.67 21.51
N LYS B 51 -12.85 13.30 20.71
CA LYS B 51 -13.13 12.59 19.48
C LYS B 51 -13.67 11.18 19.76
N SER B 52 -14.43 10.70 18.79
CA SER B 52 -14.90 9.32 18.78
C SER B 52 -13.68 8.38 18.73
N MET B 53 -13.77 7.22 19.39
CA MET B 53 -12.92 6.07 19.08
C MET B 53 -12.74 5.78 17.60
N TRP B 54 -13.81 5.90 16.84
CA TRP B 54 -13.72 5.72 15.43
C TRP B 54 -12.88 6.73 14.69
N GLU B 55 -12.83 7.99 15.16
CA GLU B 55 -11.91 8.95 14.57
C GLU B 55 -10.46 8.69 14.90
N MET B 56 -10.22 8.46 16.19
CA MET B 56 -8.90 8.11 16.69
C MET B 56 -8.26 6.90 16.03
N TRP B 57 -9.05 5.85 15.87
CA TRP B 57 -8.66 4.64 15.17
C TRP B 57 -8.31 4.89 13.73
N GLU B 58 -9.12 5.67 13.03
CA GLU B 58 -8.80 5.99 11.66
C GLU B 58 -7.49 6.76 11.45
N ARG B 59 -7.27 7.77 12.30
CA ARG B 59 -6.03 8.53 12.23
C ARG B 59 -4.82 7.68 12.57
N CYS B 60 -4.95 6.89 13.64
CA CYS B 60 -3.90 6.01 14.08
C CYS B 60 -3.58 4.97 13.00
N ALA B 61 -4.61 4.34 12.42
CA ALA B 61 -4.47 3.45 11.26
C ALA B 61 -3.85 4.07 10.00
N HIS B 62 -4.13 5.34 9.74
CA HIS B 62 -3.50 6.10 8.65
C HIS B 62 -2.00 6.22 8.86
N HIS B 63 -1.59 6.67 10.04
CA HIS B 63 -0.17 6.79 10.38
C HIS B 63 0.50 5.43 10.37
N LEU B 64 -0.18 4.43 10.90
CA LEU B 64 0.35 3.07 10.93
C LEU B 64 0.56 2.51 9.53
N THR B 65 -0.39 2.78 8.64
CA THR B 65 -0.28 2.37 7.25
C THR B 65 0.85 3.09 6.54
N GLU B 66 0.97 4.39 6.82
CA GLU B 66 2.09 5.20 6.29
C GLU B 66 3.42 4.62 6.79
N ALA B 67 3.57 4.42 8.09
CA ALA B 67 4.77 3.83 8.67
C ALA B 67 5.19 2.48 8.07
N ILE B 68 4.21 1.61 7.86
CA ILE B 68 4.43 0.31 7.21
C ILE B 68 4.92 0.41 5.76
N GLN B 69 4.43 1.38 4.98
CA GLN B 69 4.89 1.63 3.60
C GLN B 69 6.40 1.88 3.59
N TYR B 70 6.82 2.80 4.46
CA TYR B 70 8.22 3.13 4.68
C TYR B 70 9.12 1.96 5.11
N VAL B 71 8.59 1.08 5.96
CA VAL B 71 9.28 -0.15 6.35
C VAL B 71 9.43 -1.13 5.18
N VAL B 72 8.40 -1.25 4.35
CA VAL B 72 8.45 -2.02 3.10
C VAL B 72 9.53 -1.44 2.20
N GLU B 73 9.52 -0.12 2.01
CA GLU B 73 10.60 0.61 1.31
C GLU B 73 12.02 0.33 1.83
N PHE B 74 12.20 0.44 3.15
CA PHE B 74 13.41 0.04 3.85
C PHE B 74 13.91 -1.32 3.41
N ALA B 75 13.00 -2.31 3.42
CA ALA B 75 13.32 -3.71 3.12
C ALA B 75 13.66 -3.91 1.65
N LYS B 76 12.91 -3.26 0.76
CA LYS B 76 13.22 -3.21 -0.67
C LYS B 76 14.67 -2.74 -1.04
N ARG B 77 15.25 -1.84 -0.24
CA ARG B 77 16.62 -1.37 -0.43
C ARG B 77 17.72 -2.17 0.27
N LEU B 78 17.37 -3.27 0.95
CA LEU B 78 18.38 -4.09 1.63
C LEU B 78 18.98 -5.02 0.59
N SER B 79 20.32 -5.19 0.66
CA SER B 79 21.08 -6.11 -0.19
C SER B 79 20.57 -7.51 0.13
N GLY B 80 20.01 -8.14 -0.88
CA GLY B 80 19.53 -9.51 -0.73
C GLY B 80 18.07 -9.76 -0.44
N PHE B 81 17.29 -8.74 -0.06
CA PHE B 81 15.85 -8.90 0.19
C PHE B 81 15.10 -9.04 -1.14
N MET B 82 15.40 -8.17 -2.11
CA MET B 82 14.94 -8.34 -3.50
C MET B 82 15.30 -9.67 -4.18
N GLU B 83 16.48 -10.16 -3.85
CA GLU B 83 16.97 -11.40 -4.38
C GLU B 83 16.23 -12.64 -3.82
N LEU B 84 15.49 -12.51 -2.71
CA LEU B 84 14.61 -13.57 -2.19
C LEU B 84 13.36 -13.70 -3.07
N CYS B 85 12.71 -14.86 -2.99
CA CYS B 85 11.47 -15.14 -3.73
C CYS B 85 10.30 -14.35 -3.15
N GLN B 86 9.31 -14.09 -4.00
CA GLN B 86 8.15 -13.31 -3.61
C GLN B 86 7.43 -13.84 -2.38
N ASN B 87 7.33 -15.16 -2.16
CA ASN B 87 6.74 -15.76 -0.93
C ASN B 87 7.43 -15.29 0.35
N ASP B 88 8.76 -15.41 0.33
CA ASP B 88 9.60 -15.08 1.48
C ASP B 88 9.59 -13.59 1.87
N GLN B 89 9.64 -12.71 0.88
CA GLN B 89 9.48 -11.27 1.03
C GLN B 89 8.21 -10.93 1.81
N ILE B 90 7.10 -11.54 1.42
CA ILE B 90 5.81 -11.39 2.09
C ILE B 90 5.84 -11.91 3.54
N VAL B 91 6.38 -13.09 3.75
CA VAL B 91 6.36 -13.74 5.07
C VAL B 91 7.12 -12.86 6.07
N LEU B 92 8.27 -12.38 5.63
CA LEU B 92 9.16 -11.56 6.44
C LEU B 92 8.52 -10.21 6.76
N LEU B 93 8.01 -9.50 5.75
CA LEU B 93 7.30 -8.22 5.98
C LEU B 93 6.03 -8.32 6.82
N LYS B 94 5.25 -9.38 6.62
CA LYS B 94 3.96 -9.57 7.29
C LYS B 94 4.21 -9.79 8.80
N ALA B 95 5.10 -10.72 9.12
CA ALA B 95 5.54 -11.02 10.47
C ALA B 95 6.40 -9.90 11.09
N GLY B 96 7.22 -9.20 10.27
CA GLY B 96 8.17 -8.19 10.71
C GLY B 96 7.78 -6.72 10.72
N ALA B 97 7.02 -6.22 9.75
CA ALA B 97 6.93 -4.80 9.55
C ALA B 97 6.42 -4.00 10.75
N MET B 98 5.44 -4.56 11.44
CA MET B 98 4.90 -4.00 12.68
C MET B 98 5.89 -3.96 13.83
N GLU B 99 6.63 -5.05 14.02
CA GLU B 99 7.77 -5.06 14.93
C GLU B 99 8.82 -4.00 14.66
N VAL B 100 9.08 -3.70 13.38
CA VAL B 100 9.99 -2.59 13.01
C VAL B 100 9.40 -1.22 13.38
N VAL B 101 8.14 -1.01 13.02
CA VAL B 101 7.41 0.23 13.28
C VAL B 101 7.46 0.54 14.78
N LEU B 102 7.17 -0.46 15.60
CA LEU B 102 7.25 -0.30 17.07
C LEU B 102 8.65 0.14 17.59
N VAL B 103 9.71 -0.46 17.02
CA VAL B 103 11.08 -0.04 17.25
C VAL B 103 11.39 1.37 16.75
N ARG B 104 11.08 1.66 15.49
CA ARG B 104 11.13 3.02 15.03
C ARG B 104 10.41 4.07 15.90
N MET B 105 9.26 3.72 16.48
CA MET B 105 8.46 4.65 17.29
C MET B 105 9.19 5.29 18.48
N CYS B 106 10.08 4.52 19.07
CA CYS B 106 10.97 4.91 20.16
C CYS B 106 11.78 6.19 20.03
N ARG B 107 12.09 6.54 18.79
CA ARG B 107 12.68 7.82 18.44
C ARG B 107 11.76 9.01 18.66
N ALA B 108 10.47 8.80 18.50
CA ALA B 108 9.48 9.83 18.67
C ALA B 108 8.93 9.92 20.09
N TYR B 109 9.58 9.30 21.07
CA TYR B 109 9.23 9.30 22.48
C TYR B 109 10.25 10.17 23.21
N ASN B 110 9.73 11.02 24.08
CA ASN B 110 10.54 11.78 25.02
C ASN B 110 10.41 11.34 26.47
N ALA B 111 11.42 10.64 26.96
CA ALA B 111 11.52 10.26 28.38
C ALA B 111 11.61 11.38 29.40
N ASP B 112 12.07 12.58 29.01
CA ASP B 112 12.14 13.73 29.94
C ASP B 112 10.78 14.15 30.47
N ASN B 113 9.71 13.92 29.70
CA ASN B 113 8.32 14.19 30.11
C ASN B 113 7.21 13.15 29.84
N ARG B 114 7.58 11.95 29.36
CA ARG B 114 6.64 10.87 29.05
C ARG B 114 5.60 11.23 27.98
N THR B 115 6.11 11.77 26.88
CA THR B 115 5.34 12.24 25.73
C THR B 115 5.86 11.67 24.42
N VAL B 116 5.02 11.76 23.41
CA VAL B 116 5.19 11.17 22.11
C VAL B 116 4.79 12.18 21.07
N PHE B 117 5.45 12.11 19.92
CA PHE B 117 5.10 12.97 18.80
C PHE B 117 3.87 12.32 18.17
N PHE B 118 2.80 13.12 18.05
CA PHE B 118 1.55 12.75 17.38
C PHE B 118 0.98 13.98 16.66
N GLU B 119 0.93 13.93 15.32
CA GLU B 119 0.29 14.93 14.48
C GLU B 119 0.83 16.35 14.64
N GLY B 120 2.15 16.48 14.68
CA GLY B 120 2.82 17.77 14.77
C GLY B 120 3.25 18.34 16.10
N LYS B 121 2.68 17.88 17.20
CA LYS B 121 3.15 18.26 18.56
C LYS B 121 3.32 17.01 19.41
N TYR B 122 3.83 17.18 20.63
CA TYR B 122 4.04 16.10 21.61
C TYR B 122 2.97 16.13 22.69
N GLY B 123 2.40 14.99 23.05
CA GLY B 123 1.65 14.88 24.31
C GLY B 123 1.65 13.49 24.91
N GLY B 124 1.03 13.38 26.07
CA GLY B 124 1.08 12.18 26.93
C GLY B 124 0.09 11.10 26.56
N MET B 125 -0.05 10.08 27.40
CA MET B 125 -1.00 8.99 27.14
C MET B 125 -2.42 9.54 27.07
N GLU B 126 -2.71 10.49 27.95
CA GLU B 126 -3.96 11.23 27.97
C GLU B 126 -4.53 11.60 26.61
N LEU B 127 -3.69 11.89 25.63
CA LEU B 127 -4.18 12.06 24.24
C LEU B 127 -5.09 10.99 23.67
N PHE B 128 -4.80 9.75 24.06
CA PHE B 128 -5.33 8.58 23.38
C PHE B 128 -6.53 8.01 24.11
N ARG B 129 -7.09 8.73 25.10
CA ARG B 129 -8.15 8.23 25.98
C ARG B 129 -9.33 7.64 25.22
N ALA B 130 -9.73 8.29 24.13
CA ALA B 130 -10.89 7.85 23.36
C ALA B 130 -10.77 6.49 22.70
N LEU B 131 -9.57 6.03 22.43
CA LEU B 131 -9.39 4.64 21.99
C LEU B 131 -9.94 3.58 22.94
N GLY B 132 -10.01 3.85 24.25
CA GLY B 132 -10.37 2.86 25.27
C GLY B 132 -9.48 1.63 25.28
N CYS B 133 -8.19 1.85 25.09
CA CYS B 133 -7.13 0.90 25.00
C CYS B 133 -5.99 1.33 25.90
N SER B 134 -6.25 1.66 27.17
CA SER B 134 -5.22 2.05 28.14
C SER B 134 -4.03 1.12 28.30
N GLU B 135 -4.30 -0.16 28.13
CA GLU B 135 -3.30 -1.22 28.30
C GLU B 135 -2.32 -1.22 27.11
N LEU B 136 -2.85 -1.19 25.89
CA LEU B 136 -2.08 -0.96 24.67
C LEU B 136 -1.18 0.24 24.71
N ILE B 137 -1.74 1.38 25.09
CA ILE B 137 -1.05 2.66 25.07
C ILE B 137 0.08 2.63 26.11
N SER B 138 -0.21 2.12 27.31
CA SER B 138 0.74 2.08 28.42
C SER B 138 1.90 1.15 28.10
N SER B 139 1.58 0.03 27.48
CA SER B 139 2.55 -0.91 26.97
C SER B 139 3.49 -0.34 25.96
N ILE B 140 2.93 0.44 25.05
CA ILE B 140 3.70 1.15 24.03
C ILE B 140 4.61 2.22 24.61
N PHE B 141 4.09 2.99 25.56
CA PHE B 141 4.86 3.96 26.33
C PHE B 141 5.98 3.30 27.16
N ASP B 142 5.70 2.15 27.77
CA ASP B 142 6.67 1.47 28.67
C ASP B 142 7.83 0.95 27.83
N PHE B 143 7.47 0.22 26.78
CA PHE B 143 8.43 -0.22 25.77
C PHE B 143 9.30 0.90 25.17
N SER B 144 8.62 1.96 24.72
CA SER B 144 9.30 3.15 24.18
C SER B 144 10.29 3.76 25.18
N HIS B 145 9.92 3.81 26.46
CA HIS B 145 10.75 4.34 27.57
C HIS B 145 12.03 3.53 27.77
N SER B 146 11.85 2.22 27.81
CA SER B 146 12.92 1.28 28.09
C SER B 146 13.98 1.22 26.93
N LEU B 147 13.51 1.21 25.68
CA LEU B 147 14.36 1.44 24.51
C LEU B 147 15.03 2.79 24.43
N SER B 148 14.29 3.84 24.75
CA SER B 148 14.82 5.21 24.83
C SER B 148 15.96 5.42 25.85
N ALA B 149 15.98 4.65 26.93
CA ALA B 149 17.06 4.59 27.85
C ALA B 149 18.41 4.15 27.30
N LEU B 150 18.41 3.45 26.18
CA LEU B 150 19.62 3.00 25.48
C LEU B 150 20.18 4.06 24.52
N HIS B 151 19.48 5.15 24.24
CA HIS B 151 19.96 6.20 23.37
C HIS B 151 20.47 5.70 22.03
N PHE B 152 19.64 4.85 21.42
CA PHE B 152 19.99 4.21 20.16
C PHE B 152 20.28 5.28 19.13
N SER B 153 21.42 5.10 18.46
CA SER B 153 21.76 5.88 17.29
C SER B 153 20.88 5.50 16.12
N GLU B 154 20.90 6.33 15.09
CA GLU B 154 20.22 6.06 13.83
C GLU B 154 20.64 4.78 13.13
N ASP B 155 21.98 4.50 13.12
CA ASP B 155 22.56 3.30 12.55
C ASP B 155 22.28 2.07 13.42
N GLU B 156 22.23 2.23 14.74
CA GLU B 156 21.78 1.13 15.61
C GLU B 156 20.33 0.68 15.30
N ILE B 157 19.43 1.64 15.05
CA ILE B 157 18.03 1.38 14.72
C ILE B 157 18.03 0.67 13.36
N ALA B 158 18.70 1.26 12.36
CA ALA B 158 18.85 0.67 11.03
C ALA B 158 19.23 -0.82 11.06
N LEU B 159 20.27 -1.12 11.80
CA LEU B 159 20.82 -2.46 11.83
C LEU B 159 19.98 -3.42 12.65
N TYR B 160 19.56 -2.99 13.84
CA TYR B 160 18.62 -3.78 14.69
C TYR B 160 17.31 -4.09 13.96
N THR B 161 16.72 -3.10 13.29
CA THR B 161 15.49 -3.31 12.53
C THR B 161 15.64 -4.20 11.29
N ALA B 162 16.79 -4.16 10.63
CA ALA B 162 17.13 -5.10 9.57
C ALA B 162 17.12 -6.55 10.06
N LEU B 163 17.65 -6.80 11.25
CA LEU B 163 17.56 -8.06 11.91
C LEU B 163 16.16 -8.46 12.35
N VAL B 164 15.34 -7.49 12.73
CA VAL B 164 13.93 -7.70 13.05
C VAL B 164 13.18 -8.26 11.84
N LEU B 165 13.43 -7.69 10.66
CA LEU B 165 12.95 -8.22 9.39
C LEU B 165 13.52 -9.57 8.98
N ILE B 166 14.85 -9.65 8.88
CA ILE B 166 15.52 -10.80 8.30
C ILE B 166 15.79 -11.85 9.38
N ASN B 167 14.72 -12.57 9.67
CA ASN B 167 14.67 -13.69 10.59
C ASN B 167 14.17 -14.93 9.82
N ALA B 168 15.04 -15.94 9.75
CA ALA B 168 14.75 -17.26 9.21
C ALA B 168 13.92 -18.22 10.08
N HIS B 169 13.49 -17.78 11.28
CA HIS B 169 12.60 -18.55 12.13
C HIS B 169 11.11 -18.32 11.83
N ARG B 170 10.79 -17.39 10.93
CA ARG B 170 9.39 -17.17 10.50
C ARG B 170 8.77 -18.44 9.91
N PRO B 171 7.64 -18.95 10.49
CA PRO B 171 6.77 -19.88 9.76
C PRO B 171 6.53 -19.55 8.29
N GLY B 172 6.77 -20.50 7.39
CA GLY B 172 6.29 -20.44 5.99
C GLY B 172 7.28 -20.03 4.92
N LEU B 173 8.57 -19.97 5.25
CA LEU B 173 9.63 -19.58 4.26
C LEU B 173 9.92 -20.77 3.34
N GLN B 174 10.01 -20.53 2.04
CA GLN B 174 10.41 -21.54 1.07
C GLN B 174 11.92 -21.76 1.09
N GLU B 175 12.65 -20.67 0.89
CA GLU B 175 14.10 -20.63 0.85
C GLU B 175 14.71 -20.19 2.20
N LYS B 176 14.46 -20.98 3.23
CA LYS B 176 15.02 -20.72 4.58
C LYS B 176 16.53 -20.47 4.67
N ARG B 177 17.33 -21.24 3.94
CA ARG B 177 18.80 -21.13 3.93
C ARG B 177 19.32 -19.83 3.32
N LYS B 178 18.65 -19.35 2.28
CA LYS B 178 18.89 -18.03 1.68
C LYS B 178 18.72 -16.87 2.70
N VAL B 179 17.69 -16.99 3.55
CA VAL B 179 17.28 -16.03 4.54
C VAL B 179 18.29 -16.06 5.68
N GLU B 180 18.62 -17.25 6.17
CA GLU B 180 19.76 -17.50 7.06
C GLU B 180 21.06 -16.82 6.65
N GLN B 181 21.47 -16.99 5.40
CA GLN B 181 22.73 -16.42 4.95
C GLN B 181 22.68 -14.90 5.06
N LEU B 182 21.57 -14.32 4.66
CA LEU B 182 21.37 -12.88 4.77
C LEU B 182 21.36 -12.43 6.24
N GLN B 183 20.71 -13.21 7.08
CA GLN B 183 20.57 -12.88 8.50
C GLN B 183 21.91 -12.91 9.24
N TYR B 184 22.73 -13.90 8.92
CA TYR B 184 24.02 -14.06 9.58
C TYR B 184 25.01 -12.99 9.16
N ASN B 185 24.94 -12.48 7.93
CA ASN B 185 25.72 -11.30 7.55
C ASN B 185 25.31 -10.01 8.21
N LEU B 186 24.01 -9.86 8.43
CA LEU B 186 23.43 -8.78 9.17
C LEU B 186 23.81 -8.85 10.63
N GLU B 187 23.87 -10.02 11.17
CA GLU B 187 24.32 -10.24 12.53
C GLU B 187 25.79 -9.80 12.76
N LEU B 188 26.66 -10.24 11.89
CA LEU B 188 28.06 -9.87 11.95
C LEU B 188 28.17 -8.42 11.68
N ALA B 189 27.48 -7.89 10.67
CA ALA B 189 27.41 -6.43 10.44
C ALA B 189 27.07 -5.58 11.66
N PHE B 190 26.05 -6.01 12.38
CA PHE B 190 25.61 -5.34 13.60
C PHE B 190 26.71 -5.43 14.66
N HIS B 191 27.13 -6.64 15.02
CA HIS B 191 28.17 -6.90 15.99
C HIS B 191 29.48 -6.13 15.67
N HIS B 192 29.86 -6.13 14.40
CA HIS B 192 31.04 -5.45 13.91
C HIS B 192 30.98 -3.95 13.98
N HIS B 193 29.92 -3.39 13.51
CA HIS B 193 29.58 -2.00 13.74
C HIS B 193 29.52 -1.55 15.16
N LEU B 194 28.91 -2.36 16.06
CA LEU B 194 28.94 -2.10 17.50
C LEU B 194 30.36 -2.06 18.09
N CYS B 195 31.27 -2.92 17.59
CA CYS B 195 32.70 -2.89 17.94
C CYS B 195 33.48 -1.66 17.41
N LYS B 196 33.29 -1.31 16.15
CA LYS B 196 33.73 -0.03 15.59
C LYS B 196 33.29 1.28 16.28
N THR B 197 32.12 1.25 16.91
CA THR B 197 31.55 2.36 17.67
C THR B 197 31.61 2.21 19.19
N HIS B 198 32.29 1.20 19.73
CA HIS B 198 32.36 1.03 21.22
C HIS B 198 31.00 0.93 21.93
N ARG B 199 30.07 0.26 21.27
CA ARG B 199 28.67 0.14 21.70
C ARG B 199 28.23 -1.32 21.91
N GLN B 200 29.19 -2.17 22.19
CA GLN B 200 28.93 -3.59 22.42
C GLN B 200 27.96 -3.77 23.59
N SER B 201 28.03 -2.92 24.61
CA SER B 201 27.19 -3.06 25.80
C SER B 201 25.69 -3.08 25.50
N ILE B 202 25.26 -2.55 24.34
CA ILE B 202 23.84 -2.61 23.95
C ILE B 202 23.27 -4.00 23.67
N LEU B 203 24.08 -4.99 23.30
CA LEU B 203 23.62 -6.32 23.05
C LEU B 203 22.96 -7.03 24.24
N ALA B 204 23.52 -6.84 25.44
CA ALA B 204 22.88 -7.28 26.70
C ALA B 204 21.53 -6.64 27.06
N LYS B 205 21.24 -5.44 26.54
CA LYS B 205 20.09 -4.62 26.90
C LYS B 205 18.99 -4.53 25.81
N LEU B 206 19.21 -5.24 24.71
CA LEU B 206 18.22 -5.36 23.68
C LEU B 206 17.05 -6.21 24.15
N PRO B 207 15.89 -6.02 23.53
CA PRO B 207 14.68 -6.76 23.94
C PRO B 207 14.89 -8.25 23.74
N PRO B 208 14.25 -9.05 24.70
CA PRO B 208 14.56 -10.49 24.56
C PRO B 208 13.94 -11.12 23.32
N LYS B 209 14.37 -12.35 23.03
CA LYS B 209 14.23 -12.98 21.72
C LYS B 209 12.77 -13.07 21.27
N GLY B 210 11.90 -13.41 22.20
CA GLY B 210 10.47 -13.43 21.95
C GLY B 210 9.74 -12.10 21.87
N LYS B 211 10.10 -11.20 22.78
CA LYS B 211 9.18 -10.15 23.29
C LYS B 211 8.49 -9.27 22.26
N LEU B 212 9.28 -8.79 21.31
CA LEU B 212 8.83 -7.82 20.32
C LEU B 212 7.72 -8.42 19.42
N ARG B 213 7.95 -9.65 18.91
CA ARG B 213 6.94 -10.49 18.23
C ARG B 213 5.67 -10.77 19.04
N SER B 214 5.89 -11.16 20.29
CA SER B 214 4.86 -11.36 21.31
C SER B 214 3.99 -10.11 21.59
N LEU B 215 4.64 -8.95 21.77
CA LEU B 215 3.92 -7.69 21.97
C LEU B 215 3.04 -7.24 20.78
N CYS B 216 3.59 -7.33 19.58
CA CYS B 216 2.84 -6.99 18.37
C CYS B 216 1.64 -7.91 18.18
N SER B 217 1.82 -9.19 18.45
CA SER B 217 0.75 -10.17 18.26
C SER B 217 -0.43 -9.87 19.18
N GLN B 218 -0.14 -9.55 20.43
CA GLN B 218 -1.18 -9.18 21.39
C GLN B 218 -1.86 -7.88 20.95
N HIS B 219 -1.05 -6.96 20.47
CA HIS B 219 -1.50 -5.65 20.02
C HIS B 219 -2.49 -5.77 18.87
N VAL B 220 -2.23 -6.71 17.98
CA VAL B 220 -3.05 -6.90 16.78
C VAL B 220 -4.49 -7.27 17.14
N GLU B 221 -4.63 -8.08 18.19
CA GLU B 221 -5.96 -8.54 18.60
C GLU B 221 -6.84 -7.36 18.98
N ARG B 222 -6.27 -6.37 19.67
CA ARG B 222 -7.01 -5.19 20.07
C ARG B 222 -7.02 -4.17 18.95
C3 4LQ C . -3.13 8.64 -14.11
C4 4LQ C . -5.00 9.40 -13.33
C6 4LQ C . -2.00 7.81 -14.61
N1 4LQ C . -4.16 10.39 -13.40
N2 4LQ C . -2.98 9.95 -13.91
C7 4LQ C . -6.91 9.27 -17.45
C9 4LQ C . -2.22 7.05 -15.92
C10 4LQ C . -7.48 9.14 -15.06
C11 4LQ C . -5.62 9.37 -18.07
C12 4LQ C . -6.40 9.50 -12.83
C14 4LQ C . -5.45 8.77 -19.35
C15 4LQ C . -7.48 9.98 -13.79
O13 4LQ C . -7.87 7.99 -15.03
N8 4LQ C . -7.08 9.82 -16.18
C19 4LQ C . -4.48 10.04 -17.51
C23 4LQ C . -3.25 10.10 -18.16
C24 4LQ C . -3.11 9.51 -19.40
C21 4LQ C . -4.20 8.87 -20.00
C20 4LQ C . -6.52 8.06 -19.96
C18 4LQ C . -7.73 7.96 -19.31
C17 4LQ C . -7.93 8.58 -18.08
N5 4LQ C . -4.39 8.24 -13.72
C16 4LQ C . -4.98 6.92 -13.71
C22 4LQ C . -4.45 6.13 -12.54
C25 4LQ C . -0.89 6.62 -16.53
C30 4LQ C . -0.98 5.35 -17.39
C29 4LQ C . 0.43 4.90 -17.75
C28 4LQ C . 1.06 5.97 -18.61
C27 4LQ C . 1.04 7.31 -17.91
C26 4LQ C . -0.38 7.67 -17.49
C3 4LQ D . 1.31 6.74 15.12
C4 4LQ D . 2.95 8.12 14.70
C6 4LQ D . 0.50 5.50 15.30
N1 4LQ D . 1.88 8.84 15.00
N2 4LQ D . 0.86 7.97 15.28
C7 4LQ D . 4.61 7.65 18.80
C9 4LQ D . -0.34 5.31 16.55
C10 4LQ D . 5.27 8.35 16.52
C11 4LQ D . 3.37 7.30 19.42
C12 4LQ D . 4.30 8.67 14.33
C14 4LQ D . 3.39 6.44 20.55
C15 4LQ D . 5.02 9.39 15.46
O13 4LQ D . 5.98 7.38 16.25
N8 4LQ D . 4.62 8.53 17.69
C19 4LQ D . 2.08 7.76 18.97
C23 4LQ D . 0.90 7.39 19.61
C24 4LQ D . 0.92 6.57 20.75
C21 4LQ D . 2.16 6.10 21.21
C20 4LQ D . 4.63 5.92 21.03
C18 4LQ D . 5.81 6.27 20.42
C17 4LQ D . 5.79 7.13 19.31
N5 4LQ D . 2.63 6.78 14.75
C16 4LQ D . 3.47 5.62 14.51
C22 4LQ D . 3.26 5.00 13.15
C25 4LQ D . -0.31 4.02 17.40
C30 4LQ D . -1.48 4.17 18.40
C29 4LQ D . -1.62 2.95 19.28
C28 4LQ D . -1.93 1.76 18.40
C27 4LQ D . -0.74 1.55 17.50
C26 4LQ D . -0.53 2.74 16.59
#